data_3CTD
#
_entry.id   3CTD
#
_cell.length_a   108.184
_cell.length_b   108.184
_cell.length_c   68.685
_cell.angle_alpha   90.000
_cell.angle_beta   90.000
_cell.angle_gamma   90.000
#
_symmetry.space_group_name_H-M   'P 41 21 2'
#
loop_
_entity.id
_entity.type
_entity.pdbx_description
1 polymer 'Putative ATPase, AAA family'
2 water water
#
_entity_poly.entity_id   1
_entity_poly.type   'polypeptide(L)'
_entity_poly.pdbx_seq_one_letter_code
;MSLENKENLVVIDLAIAEDSIQKKNIVYDKNGQNHFDVISAFIKSIRGSDPDATLYWLANMVEAGEDPNFIFRRLLISAC
EDIGLADPNAIVVVQSCCDAFDRVGFPEGLFFLSQASLYLAISPKSNSTKSIFKAMEAIKATNVSLVPNHLKNNASNYLN
PHNYQGKWLQQEYLPTDLQGIKFWKPKDSGWEKNKYEDLPKKQKSEGHHHHHH
;
_entity_poly.pdbx_strand_id   A,B
#
# COMPACT_ATOMS: atom_id res chain seq x y z
N ASN A 34 -0.95 -20.68 15.01
CA ASN A 34 -2.31 -20.67 14.38
C ASN A 34 -2.85 -19.29 14.03
N HIS A 35 -2.44 -18.21 14.72
CA HIS A 35 -2.80 -16.89 14.13
C HIS A 35 -1.79 -16.63 12.99
N PHE A 36 -0.73 -17.44 12.95
CA PHE A 36 0.25 -17.42 11.85
C PHE A 36 -0.41 -17.94 10.59
N ASP A 37 -1.38 -18.82 10.79
CA ASP A 37 -2.15 -19.42 9.71
C ASP A 37 -3.09 -18.40 9.09
N VAL A 38 -3.64 -17.51 9.92
CA VAL A 38 -4.55 -16.52 9.36
C VAL A 38 -3.77 -15.49 8.56
N ILE A 39 -2.62 -15.06 9.08
CA ILE A 39 -1.89 -13.99 8.38
C ILE A 39 -1.27 -14.57 7.13
N SER A 40 -0.94 -15.85 7.19
CA SER A 40 -0.50 -16.51 5.99
C SER A 40 -1.64 -16.52 4.95
N ALA A 41 -2.85 -16.86 5.35
CA ALA A 41 -3.94 -16.92 4.37
C ALA A 41 -4.14 -15.52 3.74
N PHE A 42 -4.05 -14.51 4.60
CA PHE A 42 -4.13 -13.09 4.24
C PHE A 42 -3.07 -12.67 3.23
N ILE A 43 -1.79 -12.98 3.50
CA ILE A 43 -0.72 -12.63 2.56
C ILE A 43 -0.79 -13.46 1.26
N LYS A 44 -1.11 -14.75 1.37
CA LYS A 44 -1.27 -15.52 0.12
C LYS A 44 -2.43 -15.00 -0.71
N SER A 45 -3.46 -14.47 -0.06
CA SER A 45 -4.59 -13.88 -0.77
C SER A 45 -4.17 -12.62 -1.50
N ILE A 46 -3.43 -11.73 -0.83
CA ILE A 46 -2.80 -10.61 -1.49
C ILE A 46 -1.95 -11.08 -2.68
N ARG A 47 -1.08 -12.05 -2.44
CA ARG A 47 -0.20 -12.56 -3.52
C ARG A 47 -0.98 -13.10 -4.69
N GLY A 48 -2.16 -13.68 -4.42
CA GLY A 48 -3.03 -14.25 -5.47
C GLY A 48 -3.96 -13.23 -6.10
N SER A 49 -3.78 -11.96 -5.76
CA SER A 49 -4.61 -10.90 -6.35
C SER A 49 -6.08 -11.10 -6.11
N ASP A 50 -6.46 -11.39 -4.88
CA ASP A 50 -7.88 -11.59 -4.56
C ASP A 50 -8.33 -10.60 -3.48
N PRO A 51 -8.96 -9.50 -3.88
CA PRO A 51 -9.19 -8.46 -2.88
C PRO A 51 -10.25 -8.88 -1.89
N ASP A 52 -11.10 -9.83 -2.27
CA ASP A 52 -12.21 -10.25 -1.39
C ASP A 52 -11.70 -11.13 -0.25
N ALA A 53 -10.86 -12.11 -0.58
CA ALA A 53 -10.28 -12.99 0.41
C ALA A 53 -9.36 -12.17 1.30
N THR A 54 -8.55 -11.27 0.72
CA THR A 54 -7.72 -10.36 1.52
C THR A 54 -8.57 -9.71 2.62
N LEU A 55 -9.71 -9.11 2.26
CA LEU A 55 -10.52 -8.39 3.26
C LEU A 55 -11.05 -9.39 4.27
N TYR A 56 -11.45 -10.53 3.75
CA TYR A 56 -11.99 -11.55 4.64
C TYR A 56 -10.98 -11.93 5.69
N TRP A 57 -9.76 -12.33 5.30
CA TRP A 57 -8.74 -12.65 6.33
C TRP A 57 -8.38 -11.43 7.17
N LEU A 58 -8.31 -10.26 6.54
CA LEU A 58 -8.09 -9.03 7.31
C LEU A 58 -9.12 -8.87 8.43
N ALA A 59 -10.40 -8.96 8.09
CA ALA A 59 -11.48 -8.87 9.10
C ALA A 59 -11.36 -9.91 10.15
N ASN A 60 -11.02 -11.12 9.74
CA ASN A 60 -10.73 -12.16 10.71
C ASN A 60 -9.65 -11.72 11.71
N MET A 61 -8.54 -11.14 11.24
CA MET A 61 -7.47 -10.77 12.19
C MET A 61 -7.93 -9.69 13.19
N VAL A 62 -8.70 -8.72 12.72
CA VAL A 62 -9.07 -7.65 13.60
C VAL A 62 -10.24 -8.01 14.56
N GLU A 63 -11.23 -8.77 14.12
CA GLU A 63 -12.13 -9.35 15.11
C GLU A 63 -11.37 -10.18 16.14
N ALA A 64 -10.25 -10.80 15.76
CA ALA A 64 -9.48 -11.50 16.77
C ALA A 64 -8.59 -10.60 17.64
N GLY A 65 -8.70 -9.28 17.51
CA GLY A 65 -7.74 -8.43 18.20
C GLY A 65 -6.27 -8.72 17.87
N GLU A 66 -5.97 -9.10 16.63
CA GLU A 66 -4.55 -9.20 16.16
C GLU A 66 -3.86 -7.86 16.28
N ASP A 67 -2.57 -7.88 16.49
CA ASP A 67 -1.81 -6.65 16.66
C ASP A 67 -1.60 -5.91 15.27
N PRO A 68 -2.06 -4.66 15.16
CA PRO A 68 -1.90 -3.99 13.85
C PRO A 68 -0.45 -3.79 13.38
N ASN A 69 0.53 -3.66 14.28
CA ASN A 69 1.92 -3.55 13.81
C ASN A 69 2.38 -4.84 13.18
N PHE A 70 1.85 -5.95 13.66
CA PHE A 70 2.11 -7.24 13.12
C PHE A 70 1.45 -7.37 11.72
N ILE A 71 0.29 -6.75 11.51
CA ILE A 71 -0.24 -6.77 10.13
C ILE A 71 0.60 -5.88 9.19
N PHE A 72 0.93 -4.67 9.65
CA PHE A 72 1.65 -3.70 8.84
C PHE A 72 3.03 -4.18 8.45
N ARG A 73 3.75 -4.81 9.36
CA ARG A 73 5.09 -5.30 9.04
C ARG A 73 5.03 -6.26 7.87
N ARG A 74 4.07 -7.18 7.88
CA ARG A 74 3.85 -8.11 6.75
C ARG A 74 3.39 -7.43 5.47
N LEU A 75 2.61 -6.36 5.59
CA LEU A 75 2.22 -5.65 4.39
C LEU A 75 3.47 -5.05 3.73
N LEU A 76 4.31 -4.42 4.55
CA LEU A 76 5.55 -3.79 4.05
C LEU A 76 6.39 -4.75 3.31
N ILE A 77 6.61 -5.90 3.94
CA ILE A 77 7.38 -6.95 3.30
C ILE A 77 6.69 -7.38 2.03
N SER A 78 5.37 -7.55 2.08
CA SER A 78 4.71 -7.96 0.87
C SER A 78 4.87 -6.88 -0.25
N ALA A 79 4.82 -5.60 0.14
CA ALA A 79 4.93 -4.53 -0.83
C ALA A 79 6.24 -4.60 -1.57
N CYS A 80 7.20 -5.25 -0.97
CA CYS A 80 8.45 -5.35 -1.69
C CYS A 80 8.73 -6.76 -2.19
N GLU A 81 8.26 -7.78 -1.49
CA GLU A 81 8.56 -9.13 -1.94
C GLU A 81 7.54 -9.65 -3.00
N ASP A 82 6.31 -9.10 -2.98
CA ASP A 82 5.24 -9.65 -3.83
C ASP A 82 4.80 -8.71 -4.95
N ILE A 83 4.95 -7.41 -4.74
CA ILE A 83 4.66 -6.37 -5.73
C ILE A 83 6.01 -5.83 -6.25
N GLY A 84 6.85 -5.29 -5.37
CA GLY A 84 8.23 -4.93 -5.71
C GLY A 84 8.26 -3.96 -6.89
N LEU A 85 9.08 -4.26 -7.91
CA LEU A 85 9.19 -3.43 -9.11
C LEU A 85 7.98 -3.54 -10.11
N ALA A 86 7.02 -4.42 -9.86
CA ALA A 86 5.75 -4.26 -10.57
C ALA A 86 5.14 -2.86 -10.29
N ASP A 87 5.31 -2.37 -9.06
CA ASP A 87 4.93 -0.99 -8.75
C ASP A 87 5.79 -0.49 -7.62
N PRO A 88 6.79 0.31 -7.96
CA PRO A 88 7.78 0.61 -6.96
C PRO A 88 7.28 1.64 -5.93
N ASN A 89 6.10 2.24 -6.16
CA ASN A 89 5.52 3.10 -5.13
C ASN A 89 4.67 2.36 -4.08
N ALA A 90 4.49 1.04 -4.27
CA ALA A 90 3.77 0.23 -3.28
C ALA A 90 4.31 0.37 -1.86
N ILE A 91 5.64 0.36 -1.68
CA ILE A 91 6.19 0.58 -0.32
C ILE A 91 5.97 1.99 0.22
N VAL A 92 5.78 2.94 -0.71
CA VAL A 92 5.55 4.29 -0.28
C VAL A 92 4.13 4.38 0.32
N VAL A 93 3.13 3.93 -0.46
CA VAL A 93 1.75 3.96 -0.02
C VAL A 93 1.58 3.23 1.30
N VAL A 94 2.11 2.00 1.39
CA VAL A 94 2.00 1.18 2.63
C VAL A 94 2.67 1.85 3.84
N GLN A 95 3.87 2.39 3.67
CA GLN A 95 4.42 3.21 4.78
C GLN A 95 3.58 4.42 5.21
N SER A 96 3.02 5.13 4.25
CA SER A 96 2.10 6.20 4.64
C SER A 96 0.93 5.62 5.39
N CYS A 97 0.36 4.51 4.94
CA CYS A 97 -0.71 3.92 5.74
C CYS A 97 -0.29 3.54 7.16
N CYS A 98 0.93 3.01 7.38
CA CYS A 98 1.40 2.72 8.78
C CYS A 98 1.58 3.96 9.62
N ASP A 99 2.24 4.96 9.07
CA ASP A 99 2.41 6.22 9.80
C ASP A 99 1.07 6.81 10.20
N ALA A 100 0.11 6.78 9.26
CA ALA A 100 -1.19 7.35 9.51
C ALA A 100 -1.80 6.56 10.62
N PHE A 101 -1.66 5.24 10.57
CA PHE A 101 -2.26 4.40 11.59
C PHE A 101 -1.70 4.74 13.00
N ASP A 102 -0.40 4.91 13.07
CA ASP A 102 0.24 5.36 14.28
C ASP A 102 -0.43 6.57 14.89
N ARG A 103 -0.57 7.64 14.11
CA ARG A 103 -1.21 8.81 14.65
C ARG A 103 -2.62 8.50 15.07
N VAL A 104 -3.33 7.67 14.31
CA VAL A 104 -4.80 7.54 14.51
C VAL A 104 -5.35 6.36 15.35
N GLY A 105 -4.77 5.16 15.25
CA GLY A 105 -5.30 3.96 15.92
C GLY A 105 -6.76 3.58 15.60
N PHE A 106 -7.32 2.59 16.32
CA PHE A 106 -8.70 2.14 16.11
C PHE A 106 -9.69 3.11 16.72
N PRO A 107 -10.92 3.13 16.22
CA PRO A 107 -11.55 2.38 15.10
C PRO A 107 -11.24 2.89 13.68
N GLU A 108 -11.02 4.21 13.52
CA GLU A 108 -10.73 4.80 12.21
C GLU A 108 -9.57 4.22 11.41
N GLY A 109 -8.48 3.89 12.12
CA GLY A 109 -7.30 3.32 11.48
C GLY A 109 -7.60 2.12 10.60
N LEU A 110 -8.71 1.45 10.88
CA LEU A 110 -9.09 0.34 10.05
C LEU A 110 -9.04 0.71 8.56
N PHE A 111 -9.37 1.95 8.21
CA PHE A 111 -9.25 2.40 6.82
C PHE A 111 -7.82 2.31 6.20
N PHE A 112 -6.77 2.51 7.02
CA PHE A 112 -5.39 2.45 6.53
C PHE A 112 -5.01 1.00 6.26
N LEU A 113 -5.56 0.14 7.10
CA LEU A 113 -5.29 -1.27 7.03
C LEU A 113 -5.98 -1.77 5.75
N SER A 114 -7.20 -1.31 5.54
CA SER A 114 -7.98 -1.75 4.41
C SER A 114 -7.42 -1.16 3.12
N GLN A 115 -7.04 0.12 3.12
CA GLN A 115 -6.47 0.65 1.86
C GLN A 115 -5.15 -0.06 1.45
N ALA A 116 -4.28 -0.27 2.41
CA ALA A 116 -2.99 -0.81 2.11
C ALA A 116 -3.23 -2.23 1.69
N SER A 117 -4.14 -2.96 2.38
CA SER A 117 -4.36 -4.37 2.00
C SER A 117 -4.97 -4.48 0.62
N LEU A 118 -6.04 -3.73 0.36
CA LEU A 118 -6.61 -3.71 -0.98
C LEU A 118 -5.59 -3.22 -2.02
N TYR A 119 -4.77 -2.25 -1.65
CA TYR A 119 -3.89 -1.69 -2.64
C TYR A 119 -2.93 -2.77 -3.13
N LEU A 120 -2.27 -3.51 -2.23
CA LEU A 120 -1.42 -4.68 -2.63
C LEU A 120 -2.17 -5.81 -3.37
N ALA A 121 -3.40 -6.10 -2.98
CA ALA A 121 -4.15 -7.19 -3.63
C ALA A 121 -4.38 -6.95 -5.12
N ILE A 122 -4.71 -5.69 -5.46
CA ILE A 122 -5.04 -5.40 -6.85
C ILE A 122 -3.86 -4.89 -7.65
N SER A 123 -2.69 -4.79 -7.04
CA SER A 123 -1.52 -4.38 -7.83
C SER A 123 -0.98 -5.50 -8.66
N PRO A 124 -0.27 -5.18 -9.77
CA PRO A 124 0.47 -6.23 -10.49
C PRO A 124 1.55 -6.75 -9.55
N LYS A 125 2.02 -7.98 -9.81
CA LYS A 125 2.85 -8.76 -8.90
C LYS A 125 4.18 -9.06 -9.52
N SER A 126 5.23 -9.10 -8.68
CA SER A 126 6.54 -9.60 -9.07
C SER A 126 7.38 -9.96 -7.86
N ASN A 127 8.14 -11.05 -7.94
CA ASN A 127 9.09 -11.35 -6.89
C ASN A 127 10.54 -11.10 -7.35
N SER A 128 10.73 -10.35 -8.43
CA SER A 128 12.11 -10.12 -8.89
C SER A 128 13.10 -9.50 -7.84
N THR A 129 12.61 -8.86 -6.77
CA THR A 129 13.53 -8.38 -5.70
C THR A 129 14.24 -9.47 -4.90
N LYS A 130 13.69 -10.70 -4.93
CA LYS A 130 14.33 -11.87 -4.33
C LYS A 130 15.50 -12.38 -5.18
N SER A 131 15.64 -11.90 -6.40
CA SER A 131 16.83 -12.22 -7.21
C SER A 131 18.14 -12.02 -6.42
N ILE A 132 18.11 -11.21 -5.36
CA ILE A 132 19.31 -11.00 -4.53
C ILE A 132 19.87 -12.30 -3.95
N PHE A 133 18.97 -13.26 -3.65
CA PHE A 133 19.42 -14.54 -3.12
C PHE A 133 20.17 -15.40 -4.08
N LYS A 134 19.80 -15.42 -5.35
CA LYS A 134 20.63 -16.11 -6.34
C LYS A 134 22.06 -15.55 -6.29
N ALA A 135 22.17 -14.22 -6.20
CA ALA A 135 23.48 -13.58 -6.18
C ALA A 135 24.28 -13.90 -4.92
N MET A 136 23.59 -14.00 -3.77
CA MET A 136 24.25 -14.38 -2.51
C MET A 136 24.72 -15.87 -2.54
N GLU A 137 23.98 -16.73 -3.24
CA GLU A 137 24.43 -18.10 -3.47
C GLU A 137 25.77 -18.03 -4.25
N ALA A 138 25.80 -17.41 -5.41
CA ALA A 138 27.07 -17.32 -6.15
C ALA A 138 28.22 -16.78 -5.27
N ILE A 139 27.96 -15.73 -4.51
CA ILE A 139 29.05 -15.19 -3.70
C ILE A 139 29.66 -16.27 -2.83
N LYS A 140 28.83 -17.06 -2.14
CA LYS A 140 29.30 -18.12 -1.23
C LYS A 140 30.15 -19.22 -1.90
N LEU A 146 37.03 -10.78 -6.46
CA LEU A 146 37.94 -9.64 -6.73
C LEU A 146 37.46 -8.65 -7.80
N VAL A 147 37.50 -7.37 -7.44
CA VAL A 147 36.94 -6.32 -8.26
C VAL A 147 37.79 -6.03 -9.49
N PRO A 148 37.18 -6.07 -10.70
CA PRO A 148 37.90 -5.68 -11.92
C PRO A 148 38.52 -4.30 -11.69
N ASN A 149 39.62 -4.00 -12.39
CA ASN A 149 40.37 -2.77 -12.12
C ASN A 149 39.59 -1.50 -12.48
N HIS A 150 38.96 -1.53 -13.64
CA HIS A 150 38.20 -0.41 -14.11
C HIS A 150 36.97 -0.03 -13.20
N LEU A 151 36.69 -0.88 -12.21
CA LEU A 151 35.56 -0.64 -11.29
C LEU A 151 36.07 -0.28 -9.90
N LYS A 152 37.39 -0.24 -9.75
CA LYS A 152 37.96 0.19 -8.47
C LYS A 152 37.70 1.65 -8.15
N ASN A 153 37.79 2.01 -6.87
CA ASN A 153 37.59 3.40 -6.53
C ASN A 153 38.65 4.26 -7.24
N ASN A 154 38.23 5.42 -7.75
CA ASN A 154 39.12 6.25 -8.56
C ASN A 154 39.91 5.47 -9.62
N ALA A 155 39.29 4.50 -10.28
CA ALA A 155 39.96 3.70 -11.34
C ALA A 155 40.38 4.59 -12.48
N SER A 156 41.57 4.37 -13.05
CA SER A 156 42.06 5.30 -14.07
C SER A 156 41.40 5.06 -15.43
N ASN A 157 41.01 3.82 -15.67
CA ASN A 157 40.40 3.44 -16.94
C ASN A 157 38.88 3.13 -16.86
N TYR A 158 38.21 3.68 -15.85
CA TYR A 158 36.76 3.67 -15.82
C TYR A 158 36.15 4.62 -16.89
N LEU A 159 35.17 4.15 -17.64
CA LEU A 159 34.49 5.02 -18.58
C LEU A 159 33.15 5.40 -17.93
N ASN A 160 32.94 6.69 -17.66
CA ASN A 160 31.68 7.10 -17.05
C ASN A 160 30.52 7.16 -18.05
N PRO A 161 29.42 6.42 -17.82
CA PRO A 161 28.33 6.37 -18.81
C PRO A 161 27.67 7.70 -19.04
N HIS A 162 27.72 8.61 -18.05
CA HIS A 162 27.24 10.02 -18.26
C HIS A 162 28.01 10.79 -19.34
N ASN A 163 29.30 10.45 -19.52
CA ASN A 163 30.14 11.14 -20.49
C ASN A 163 29.88 10.64 -21.87
N TYR A 164 28.85 9.85 -22.10
CA TYR A 164 28.75 9.15 -23.37
C TYR A 164 27.30 8.98 -23.75
N LEU A 169 27.29 1.77 -24.59
CA LEU A 169 28.63 1.77 -23.98
C LEU A 169 29.05 0.36 -23.57
N GLN A 170 30.10 -0.19 -24.19
CA GLN A 170 30.58 -1.50 -23.73
C GLN A 170 31.71 -1.44 -22.67
N GLN A 171 31.42 -2.05 -21.52
CA GLN A 171 32.26 -2.07 -20.33
C GLN A 171 31.62 -3.14 -19.44
N GLU A 172 32.43 -3.89 -18.71
CA GLU A 172 31.97 -5.07 -17.98
C GLU A 172 31.75 -4.75 -16.51
N TYR A 173 30.58 -5.10 -15.98
CA TYR A 173 30.31 -4.79 -14.59
C TYR A 173 30.46 -5.99 -13.67
N LEU A 174 30.40 -7.21 -14.22
CA LEU A 174 30.71 -8.41 -13.42
C LEU A 174 32.18 -8.80 -13.54
N PRO A 175 32.69 -9.60 -12.57
CA PRO A 175 34.04 -10.15 -12.76
C PRO A 175 34.13 -10.99 -14.03
N THR A 176 35.37 -11.22 -14.47
CA THR A 176 35.64 -11.96 -15.70
C THR A 176 35.03 -13.37 -15.67
N ASP A 177 35.33 -14.12 -14.60
CA ASP A 177 34.86 -15.51 -14.42
C ASP A 177 33.33 -15.62 -14.37
N LEU A 178 32.65 -14.48 -14.26
CA LEU A 178 31.20 -14.42 -14.37
C LEU A 178 30.85 -13.43 -15.48
N ILE A 181 25.92 -14.25 -17.14
CA ILE A 181 25.23 -14.77 -15.94
C ILE A 181 24.16 -13.79 -15.47
N LYS A 182 22.91 -14.23 -15.39
CA LYS A 182 21.81 -13.33 -15.15
C LYS A 182 21.16 -13.63 -13.80
N PHE A 183 21.19 -12.66 -12.87
CA PHE A 183 20.61 -12.84 -11.57
C PHE A 183 19.20 -12.29 -11.48
N TRP A 184 18.92 -11.26 -12.26
CA TRP A 184 17.68 -10.57 -12.06
C TRP A 184 16.71 -11.08 -13.04
N LYS A 185 15.58 -11.55 -12.52
CA LYS A 185 14.48 -12.12 -13.30
C LYS A 185 13.19 -11.25 -13.22
N PRO A 186 13.01 -10.32 -14.19
CA PRO A 186 11.80 -9.47 -14.28
C PRO A 186 10.55 -10.27 -14.73
N LYS A 187 9.34 -9.90 -14.28
CA LYS A 187 8.14 -10.76 -14.43
C LYS A 187 7.08 -10.27 -15.40
N GLY A 190 4.28 -4.95 -15.17
CA GLY A 190 4.02 -3.64 -14.53
C GLY A 190 5.14 -2.65 -14.87
N TRP A 191 5.61 -1.87 -13.88
CA TRP A 191 6.69 -0.89 -14.07
C TRP A 191 8.03 -1.50 -14.54
N GLU A 192 8.49 -2.59 -13.91
CA GLU A 192 9.74 -3.25 -14.32
C GLU A 192 9.69 -3.77 -15.75
N LYS A 193 8.50 -4.10 -16.26
CA LYS A 193 8.43 -4.52 -17.67
C LYS A 193 8.88 -3.39 -18.62
N ASN A 194 8.28 -2.20 -18.47
CA ASN A 194 8.67 -1.02 -19.23
C ASN A 194 10.16 -0.65 -19.04
N LYS A 195 10.64 -0.66 -17.81
CA LYS A 195 12.05 -0.34 -17.57
C LYS A 195 12.98 -1.29 -18.28
N TYR A 196 12.55 -2.55 -18.43
CA TYR A 196 13.45 -3.59 -18.87
C TYR A 196 14.05 -3.31 -20.25
N HIS B 35 -18.03 22.61 17.44
CA HIS B 35 -16.60 22.23 17.30
C HIS B 35 -16.56 20.93 16.50
N PHE B 36 -17.35 19.95 16.94
CA PHE B 36 -17.40 18.68 16.24
C PHE B 36 -18.36 18.86 15.04
N ASP B 37 -19.19 19.89 15.05
CA ASP B 37 -20.01 20.23 13.85
C ASP B 37 -19.22 20.92 12.73
N VAL B 38 -18.28 21.78 13.12
CA VAL B 38 -17.42 22.49 12.19
C VAL B 38 -16.56 21.47 11.44
N ILE B 39 -15.83 20.64 12.19
CA ILE B 39 -15.02 19.58 11.57
C ILE B 39 -15.88 18.69 10.66
N SER B 40 -17.11 18.44 11.07
CA SER B 40 -18.04 17.70 10.21
C SER B 40 -18.33 18.43 8.88
N ALA B 41 -18.62 19.71 8.96
CA ALA B 41 -18.85 20.47 7.72
C ALA B 41 -17.62 20.52 6.74
N PHE B 42 -16.43 20.56 7.36
CA PHE B 42 -15.13 20.48 6.68
C PHE B 42 -14.97 19.16 5.88
N ILE B 43 -15.12 18.04 6.55
CA ILE B 43 -15.06 16.76 5.89
C ILE B 43 -16.19 16.62 4.87
N LYS B 44 -17.38 17.13 5.16
CA LYS B 44 -18.43 16.96 4.16
C LYS B 44 -18.17 17.79 2.96
N SER B 45 -17.65 19.01 3.13
CA SER B 45 -17.26 19.83 1.95
C SER B 45 -16.17 19.14 1.07
N ILE B 46 -15.22 18.50 1.74
CA ILE B 46 -14.22 17.73 1.03
C ILE B 46 -14.89 16.60 0.32
N ARG B 47 -15.67 15.82 1.05
CA ARG B 47 -16.42 14.72 0.41
C ARG B 47 -17.29 15.18 -0.74
N GLY B 48 -17.89 16.35 -0.60
CA GLY B 48 -18.69 16.98 -1.67
C GLY B 48 -17.91 17.65 -2.79
N SER B 49 -16.58 17.58 -2.73
CA SER B 49 -15.70 18.14 -3.77
C SER B 49 -15.89 19.64 -3.86
N ASP B 50 -16.10 20.27 -2.72
CA ASP B 50 -16.22 21.73 -2.71
C ASP B 50 -15.01 22.40 -2.04
N PRO B 51 -14.02 22.83 -2.86
CA PRO B 51 -12.79 23.49 -2.39
C PRO B 51 -13.07 24.79 -1.67
N ASP B 52 -14.00 25.59 -2.18
CA ASP B 52 -14.34 26.83 -1.48
C ASP B 52 -14.86 26.59 -0.08
N ALA B 53 -15.90 25.75 0.05
CA ALA B 53 -16.41 25.51 1.40
C ALA B 53 -15.36 24.85 2.27
N THR B 54 -14.59 23.94 1.66
CA THR B 54 -13.47 23.32 2.33
C THR B 54 -12.62 24.40 2.96
N LEU B 55 -12.22 25.40 2.17
CA LEU B 55 -11.36 26.45 2.73
C LEU B 55 -12.02 27.26 3.85
N TYR B 56 -13.29 27.56 3.68
CA TYR B 56 -14.02 28.32 4.68
C TYR B 56 -14.05 27.57 6.01
N TRP B 57 -14.42 26.29 6.02
CA TRP B 57 -14.43 25.57 7.31
C TRP B 57 -13.04 25.34 7.88
N LEU B 58 -12.04 25.15 7.04
CA LEU B 58 -10.63 25.15 7.53
C LEU B 58 -10.30 26.46 8.27
N ALA B 59 -10.58 27.57 7.61
CA ALA B 59 -10.29 28.89 8.16
C ALA B 59 -11.04 29.09 9.50
N ASN B 60 -12.32 28.70 9.51
CA ASN B 60 -13.10 28.69 10.73
C ASN B 60 -12.36 28.00 11.83
N MET B 61 -11.94 26.76 11.57
CA MET B 61 -11.27 25.93 12.58
C MET B 61 -10.00 26.56 13.17
N VAL B 62 -9.14 27.13 12.34
CA VAL B 62 -7.91 27.69 12.88
C VAL B 62 -8.12 29.01 13.67
N GLU B 63 -9.04 29.87 13.21
CA GLU B 63 -9.42 31.02 14.05
C GLU B 63 -9.87 30.58 15.41
N ALA B 64 -10.58 29.44 15.46
CA ALA B 64 -11.15 28.98 16.71
C ALA B 64 -10.15 28.22 17.55
N GLY B 65 -8.89 28.18 17.10
CA GLY B 65 -7.88 27.48 17.87
C GLY B 65 -7.83 25.95 17.77
N GLU B 66 -8.42 25.35 16.76
CA GLU B 66 -8.48 23.89 16.69
C GLU B 66 -7.09 23.31 16.58
N ASP B 67 -6.85 22.17 17.22
CA ASP B 67 -5.51 21.56 17.17
C ASP B 67 -5.18 21.11 15.74
N PRO B 68 -4.07 21.58 15.15
CA PRO B 68 -3.77 21.16 13.76
C PRO B 68 -3.60 19.63 13.62
N ASN B 69 -2.99 18.99 14.61
CA ASN B 69 -2.91 17.50 14.63
C ASN B 69 -4.27 16.85 14.52
N PHE B 70 -5.27 17.39 15.22
CA PHE B 70 -6.62 16.89 15.05
C PHE B 70 -7.11 17.07 13.59
N ILE B 71 -6.89 18.22 12.99
CA ILE B 71 -7.34 18.42 11.60
C ILE B 71 -6.63 17.43 10.66
N PHE B 72 -5.33 17.27 10.83
CA PHE B 72 -4.56 16.29 10.03
C PHE B 72 -4.99 14.83 10.21
N ARG B 73 -5.50 14.50 11.40
CA ARG B 73 -6.03 13.13 11.62
C ARG B 73 -7.20 12.87 10.71
N ARG B 74 -8.15 13.81 10.71
CA ARG B 74 -9.32 13.71 9.87
C ARG B 74 -9.01 13.79 8.41
N LEU B 75 -8.01 14.58 8.03
CA LEU B 75 -7.56 14.58 6.65
C LEU B 75 -6.90 13.23 6.27
N LEU B 76 -6.14 12.61 7.17
CA LEU B 76 -5.50 11.33 6.85
C LEU B 76 -6.60 10.30 6.67
N ILE B 77 -7.51 10.21 7.65
CA ILE B 77 -8.70 9.37 7.56
C ILE B 77 -9.49 9.56 6.26
N SER B 78 -9.86 10.79 5.95
CA SER B 78 -10.64 11.06 4.77
C SER B 78 -9.88 10.68 3.48
N ALA B 79 -8.55 10.80 3.48
CA ALA B 79 -7.77 10.32 2.35
C ALA B 79 -7.93 8.81 2.04
N CYS B 80 -8.31 8.01 3.03
CA CYS B 80 -8.53 6.59 2.77
C CYS B 80 -10.02 6.23 2.74
N GLU B 81 -10.80 6.93 3.55
CA GLU B 81 -12.21 6.65 3.61
C GLU B 81 -12.99 7.22 2.43
N ASP B 82 -12.66 8.45 1.99
CA ASP B 82 -13.47 9.18 1.01
C ASP B 82 -12.77 9.31 -0.33
N ILE B 83 -11.44 9.31 -0.38
CA ILE B 83 -10.76 9.31 -1.68
C ILE B 83 -10.29 7.86 -1.97
N GLY B 84 -9.45 7.34 -1.09
CA GLY B 84 -9.13 5.90 -1.10
C GLY B 84 -8.46 5.48 -2.37
N LEU B 85 -8.83 4.30 -2.88
CA LEU B 85 -8.23 3.82 -4.14
C LEU B 85 -8.71 4.58 -5.40
N ALA B 86 -9.41 5.69 -5.23
CA ALA B 86 -9.66 6.54 -6.40
C ALA B 86 -8.30 7.20 -6.73
N ASP B 87 -7.51 7.44 -5.70
CA ASP B 87 -6.14 7.94 -5.83
C ASP B 87 -5.34 7.56 -4.57
N PRO B 88 -4.70 6.39 -4.59
CA PRO B 88 -4.05 5.95 -3.37
C PRO B 88 -2.81 6.79 -3.04
N ASN B 89 -2.44 7.74 -3.90
CA ASN B 89 -1.35 8.65 -3.57
C ASN B 89 -1.80 9.75 -2.58
N ALA B 90 -3.11 9.96 -2.50
CA ALA B 90 -3.67 10.99 -1.63
C ALA B 90 -3.15 10.85 -0.21
N ILE B 91 -3.09 9.61 0.30
CA ILE B 91 -2.60 9.40 1.65
C ILE B 91 -1.13 9.79 1.75
N VAL B 92 -0.35 9.57 0.69
CA VAL B 92 1.05 9.95 0.72
C VAL B 92 1.19 11.47 0.76
N VAL B 93 0.38 12.19 -0.01
CA VAL B 93 0.51 13.64 -0.10
C VAL B 93 0.12 14.28 1.24
N VAL B 94 -1.02 13.87 1.77
CA VAL B 94 -1.51 14.42 3.03
C VAL B 94 -0.55 14.11 4.17
N GLN B 95 0.02 12.90 4.18
CA GLN B 95 0.95 12.52 5.23
C GLN B 95 2.18 13.40 5.17
N SER B 96 2.57 13.71 3.97
CA SER B 96 3.69 14.57 3.74
C SER B 96 3.42 16.07 4.09
N CYS B 97 2.19 16.55 3.86
CA CYS B 97 1.71 17.80 4.40
C CYS B 97 1.80 17.82 5.94
N CYS B 98 1.31 16.76 6.58
CA CYS B 98 1.41 16.59 8.03
C CYS B 98 2.90 16.66 8.48
N ASP B 99 3.77 15.87 7.87
CA ASP B 99 5.19 16.00 8.19
C ASP B 99 5.76 17.39 7.92
N ALA B 100 5.30 18.05 6.86
CA ALA B 100 5.84 19.37 6.60
C ALA B 100 5.39 20.30 7.73
N PHE B 101 4.15 20.20 8.16
CA PHE B 101 3.67 21.02 9.25
C PHE B 101 4.49 20.79 10.55
N ASP B 102 4.77 19.54 10.92
CA ASP B 102 5.65 19.26 12.08
C ASP B 102 7.00 19.96 11.96
N ARG B 103 7.56 20.02 10.77
CA ARG B 103 8.84 20.70 10.64
C ARG B 103 8.71 22.21 10.69
N VAL B 104 7.58 22.79 10.29
CA VAL B 104 7.58 24.26 10.05
C VAL B 104 6.68 24.99 11.07
N GLY B 105 5.56 24.39 11.44
CA GLY B 105 4.72 25.03 12.41
C GLY B 105 4.07 26.22 11.75
N PHE B 106 3.47 27.07 12.58
CA PHE B 106 2.85 28.30 12.13
C PHE B 106 3.83 29.46 12.14
N PRO B 107 3.57 30.48 11.31
CA PRO B 107 2.44 30.68 10.36
C PRO B 107 2.46 29.89 9.06
N GLU B 108 3.60 29.38 8.66
CA GLU B 108 3.67 28.82 7.32
C GLU B 108 3.03 27.47 7.18
N GLY B 109 2.94 26.75 8.29
CA GLY B 109 2.17 25.54 8.35
C GLY B 109 0.75 25.65 7.82
N LEU B 110 0.15 26.82 7.95
CA LEU B 110 -1.20 26.99 7.42
C LEU B 110 -1.39 26.59 5.91
N PHE B 111 -0.34 26.78 5.08
CA PHE B 111 -0.35 26.38 3.69
C PHE B 111 -0.37 24.85 3.46
N PHE B 112 0.23 24.10 4.38
CA PHE B 112 0.23 22.63 4.27
C PHE B 112 -1.15 22.12 4.67
N LEU B 113 -1.82 22.76 5.64
CA LEU B 113 -3.21 22.40 5.93
C LEU B 113 -4.05 22.66 4.69
N SER B 114 -3.87 23.84 4.13
CA SER B 114 -4.55 24.22 2.92
C SER B 114 -4.24 23.31 1.72
N GLN B 115 -2.98 23.03 1.39
CA GLN B 115 -2.67 22.05 0.31
C GLN B 115 -3.38 20.70 0.50
N ALA B 116 -3.22 20.13 1.70
CA ALA B 116 -3.80 18.84 2.00
C ALA B 116 -5.33 18.88 1.83
N SER B 117 -5.96 19.91 2.39
CA SER B 117 -7.40 20.07 2.31
C SER B 117 -7.86 20.22 0.87
N LEU B 118 -7.30 21.19 0.16
CA LEU B 118 -7.67 21.42 -1.25
C LEU B 118 -7.48 20.20 -2.10
N TYR B 119 -6.42 19.46 -1.82
CA TYR B 119 -6.06 18.28 -2.63
C TYR B 119 -7.15 17.20 -2.56
N LEU B 120 -7.62 16.90 -1.34
CA LEU B 120 -8.72 15.95 -1.14
C LEU B 120 -10.02 16.48 -1.74
N ALA B 121 -10.33 17.77 -1.56
CA ALA B 121 -11.57 18.33 -2.10
C ALA B 121 -11.70 18.12 -3.63
N ILE B 122 -10.58 18.27 -4.36
CA ILE B 122 -10.63 18.14 -5.79
C ILE B 122 -10.24 16.76 -6.32
N SER B 123 -9.95 15.78 -5.45
CA SER B 123 -9.59 14.45 -5.97
C SER B 123 -10.85 13.72 -6.35
N PRO B 124 -10.74 12.75 -7.32
CA PRO B 124 -11.90 11.84 -7.50
C PRO B 124 -12.19 11.13 -6.19
N LYS B 125 -13.44 10.77 -5.93
CA LYS B 125 -13.84 10.13 -4.69
C LYS B 125 -14.18 8.64 -4.84
N SER B 126 -13.93 7.85 -3.79
CA SER B 126 -14.42 6.47 -3.69
C SER B 126 -14.45 6.03 -2.29
N ASN B 127 -15.55 5.40 -1.88
CA ASN B 127 -15.61 4.82 -0.53
C ASN B 127 -15.31 3.29 -0.49
N SER B 128 -14.64 2.77 -1.53
CA SER B 128 -14.49 1.31 -1.63
C SER B 128 -13.69 0.65 -0.49
N THR B 129 -12.92 1.42 0.30
CA THR B 129 -12.25 0.83 1.45
C THR B 129 -13.18 0.51 2.57
N LYS B 130 -14.45 0.97 2.49
CA LYS B 130 -15.48 0.63 3.52
C LYS B 130 -15.86 -0.88 3.45
N SER B 131 -15.49 -1.52 2.35
CA SER B 131 -15.67 -2.95 2.12
C SER B 131 -15.30 -3.80 3.31
N ILE B 132 -14.26 -3.40 4.02
CA ILE B 132 -13.74 -4.23 5.10
C ILE B 132 -14.86 -4.49 6.09
N PHE B 133 -15.76 -3.53 6.25
CA PHE B 133 -16.91 -3.71 7.17
C PHE B 133 -17.86 -4.78 6.66
N LYS B 134 -17.98 -4.91 5.35
CA LYS B 134 -18.82 -5.96 4.80
C LYS B 134 -18.26 -7.34 5.22
N ALA B 135 -16.97 -7.57 4.94
CA ALA B 135 -16.33 -8.82 5.29
C ALA B 135 -16.36 -9.06 6.80
N MET B 136 -16.22 -8.00 7.57
CA MET B 136 -16.32 -8.07 9.01
C MET B 136 -17.72 -8.57 9.41
N GLU B 137 -18.75 -8.23 8.63
CA GLU B 137 -20.10 -8.70 8.94
C GLU B 137 -20.28 -10.17 8.57
N ALA B 138 -19.64 -10.61 7.50
CA ALA B 138 -19.54 -12.03 7.18
C ALA B 138 -18.79 -12.87 8.27
N ILE B 139 -17.80 -12.28 8.93
CA ILE B 139 -17.05 -12.98 9.97
C ILE B 139 -17.97 -13.10 11.18
N LYS B 140 -18.61 -12.00 11.55
CA LYS B 140 -19.56 -11.99 12.68
C LYS B 140 -20.94 -12.42 12.16
N SER B 145 -14.72 -20.50 11.11
CA SER B 145 -13.93 -19.78 10.10
C SER B 145 -12.50 -20.31 10.14
N LEU B 146 -12.31 -21.57 9.73
CA LEU B 146 -10.98 -22.23 9.86
C LEU B 146 -10.13 -21.97 8.62
N VAL B 147 -8.82 -22.06 8.75
CA VAL B 147 -8.04 -21.69 7.60
C VAL B 147 -7.95 -22.88 6.69
N PRO B 148 -8.20 -22.69 5.40
CA PRO B 148 -8.00 -23.88 4.56
C PRO B 148 -6.56 -24.39 4.67
N ASN B 149 -6.38 -25.70 4.69
CA ASN B 149 -5.07 -26.32 4.75
C ASN B 149 -4.01 -25.75 3.80
N HIS B 150 -4.38 -25.51 2.53
CA HIS B 150 -3.35 -25.12 1.57
C HIS B 150 -2.93 -23.65 1.75
N LEU B 151 -3.59 -22.96 2.69
CA LEU B 151 -3.38 -21.54 2.94
C LEU B 151 -2.72 -21.32 4.28
N LYS B 152 -2.51 -22.40 5.04
CA LYS B 152 -1.80 -22.31 6.30
C LYS B 152 -0.32 -21.96 6.13
N ASN B 153 0.26 -21.47 7.21
CA ASN B 153 1.68 -21.23 7.23
C ASN B 153 2.50 -22.50 6.87
N ASN B 154 3.41 -22.41 5.89
CA ASN B 154 4.17 -23.59 5.42
C ASN B 154 3.31 -24.72 4.84
N ALA B 155 2.12 -24.44 4.35
CA ALA B 155 1.29 -25.55 3.84
C ALA B 155 2.05 -26.37 2.76
N SER B 156 1.99 -27.68 2.81
CA SER B 156 2.72 -28.44 1.79
C SER B 156 2.00 -28.45 0.41
N ASN B 157 0.71 -28.14 0.38
CA ASN B 157 0.02 -28.19 -0.91
C ASN B 157 -0.21 -26.78 -1.51
N TYR B 158 0.42 -25.75 -0.95
CA TYR B 158 0.23 -24.37 -1.42
C TYR B 158 0.94 -24.20 -2.72
N LEU B 159 0.29 -23.59 -3.72
CA LEU B 159 1.06 -23.18 -4.93
C LEU B 159 1.28 -21.65 -5.05
N ASN B 160 2.46 -21.26 -5.52
CA ASN B 160 2.84 -19.88 -5.45
C ASN B 160 2.69 -19.27 -6.82
N PRO B 161 1.81 -18.25 -6.91
CA PRO B 161 1.60 -17.52 -8.16
C PRO B 161 2.90 -17.04 -8.83
N HIS B 162 3.98 -16.77 -8.08
CA HIS B 162 5.25 -16.33 -8.65
C HIS B 162 5.97 -17.47 -9.39
N ASN B 163 5.67 -18.73 -9.04
CA ASN B 163 6.29 -19.86 -9.74
C ASN B 163 5.44 -20.25 -10.97
N TYR B 164 4.35 -19.55 -11.19
CA TYR B 164 3.33 -20.10 -12.06
C TYR B 164 3.61 -19.79 -13.52
N GLN B 165 3.74 -20.85 -14.32
CA GLN B 165 4.03 -20.69 -15.74
C GLN B 165 2.81 -20.40 -16.59
N GLY B 166 1.63 -20.38 -16.00
CA GLY B 166 0.40 -20.08 -16.75
C GLY B 166 -0.02 -18.62 -16.68
N LYS B 167 -1.27 -18.36 -17.02
CA LYS B 167 -1.78 -17.00 -17.10
C LYS B 167 -2.50 -16.64 -15.79
N TRP B 168 -3.32 -17.53 -15.26
CA TRP B 168 -3.86 -17.23 -13.94
C TRP B 168 -3.89 -18.48 -13.05
N LEU B 169 -3.23 -18.44 -11.90
CA LEU B 169 -3.26 -19.61 -10.99
C LEU B 169 -4.65 -19.68 -10.36
N GLN B 170 -5.42 -20.69 -10.74
CA GLN B 170 -6.72 -20.87 -10.07
C GLN B 170 -6.55 -21.59 -8.70
N GLN B 171 -6.64 -20.83 -7.60
CA GLN B 171 -6.46 -21.41 -6.27
C GLN B 171 -7.45 -20.75 -5.32
N GLU B 172 -7.99 -21.51 -4.38
CA GLU B 172 -8.99 -20.98 -3.46
C GLU B 172 -8.31 -20.14 -2.40
N TYR B 173 -8.84 -18.94 -2.16
CA TYR B 173 -8.33 -18.03 -1.15
C TYR B 173 -9.33 -17.77 -0.05
N LEU B 174 -10.59 -18.04 -0.37
CA LEU B 174 -11.67 -17.91 0.63
C LEU B 174 -12.02 -19.31 1.05
N PRO B 175 -12.62 -19.47 2.22
CA PRO B 175 -13.16 -20.82 2.51
C PRO B 175 -14.15 -21.26 1.43
N THR B 176 -14.27 -22.57 1.19
CA THR B 176 -15.17 -23.12 0.17
C THR B 176 -16.62 -22.64 0.25
N ASP B 177 -17.21 -22.54 1.45
CA ASP B 177 -18.61 -22.11 1.52
C ASP B 177 -18.81 -20.63 1.18
N LEU B 178 -17.76 -19.95 0.71
CA LEU B 178 -17.81 -18.53 0.56
C LEU B 178 -17.28 -18.13 -0.79
N GLN B 179 -16.74 -19.10 -1.53
CA GLN B 179 -16.14 -18.81 -2.84
C GLN B 179 -17.19 -18.12 -3.70
N GLY B 180 -16.78 -17.11 -4.46
CA GLY B 180 -17.70 -16.37 -5.31
C GLY B 180 -18.23 -15.13 -4.60
N ILE B 181 -18.28 -15.17 -3.29
CA ILE B 181 -18.74 -13.99 -2.58
C ILE B 181 -17.88 -12.73 -2.87
N LYS B 182 -18.55 -11.59 -2.92
CA LYS B 182 -17.89 -10.35 -3.32
C LYS B 182 -18.01 -9.29 -2.24
N PHE B 183 -16.88 -8.89 -1.66
CA PHE B 183 -16.88 -7.81 -0.67
C PHE B 183 -16.51 -6.45 -1.24
N TRP B 184 -15.64 -6.43 -2.24
CA TRP B 184 -15.16 -5.16 -2.81
C TRP B 184 -15.59 -4.94 -4.26
N LYS B 185 -16.10 -3.77 -4.61
CA LYS B 185 -16.21 -3.39 -6.04
C LYS B 185 -15.59 -2.03 -6.15
N PRO B 186 -14.82 -1.80 -7.21
CA PRO B 186 -14.36 -0.41 -7.30
C PRO B 186 -15.48 0.52 -7.82
N LYS B 187 -15.22 1.83 -7.82
CA LYS B 187 -16.03 2.74 -8.64
C LYS B 187 -15.34 3.08 -9.96
N GLY B 190 -11.77 5.76 -10.90
CA GLY B 190 -10.37 6.22 -10.96
C GLY B 190 -9.29 5.13 -11.06
N TRP B 191 -8.31 5.20 -10.16
CA TRP B 191 -7.20 4.24 -10.20
C TRP B 191 -7.67 2.79 -9.90
N GLU B 192 -8.61 2.62 -8.98
CA GLU B 192 -9.17 1.30 -8.71
C GLU B 192 -9.80 0.64 -9.96
N LYS B 193 -10.51 1.40 -10.80
CA LYS B 193 -11.05 0.88 -12.07
C LYS B 193 -10.02 0.15 -12.97
N ASN B 194 -8.97 0.87 -13.33
CA ASN B 194 -7.87 0.32 -14.13
C ASN B 194 -7.27 -0.94 -13.54
N LYS B 195 -6.98 -0.88 -12.25
CA LYS B 195 -6.41 -2.01 -11.53
C LYS B 195 -7.39 -3.16 -11.56
N TYR B 196 -8.66 -2.88 -11.33
CA TYR B 196 -9.68 -3.90 -11.47
C TYR B 196 -9.67 -4.52 -12.87
N GLU B 197 -9.62 -3.69 -13.92
CA GLU B 197 -9.87 -4.17 -15.30
C GLU B 197 -8.82 -5.20 -15.67
N ASP B 198 -7.59 -4.96 -15.26
CA ASP B 198 -6.56 -6.00 -15.29
C ASP B 198 -6.95 -7.13 -14.35
#